data_6IYR
#
_entry.id   6IYR
#
_cell.length_a   123.244
_cell.length_b   123.244
_cell.length_c   78.532
_cell.angle_alpha   90.00
_cell.angle_beta   90.00
_cell.angle_gamma   90.00
#
_symmetry.space_group_name_H-M   'P 42 21 2'
#
loop_
_entity.id
_entity.type
_entity.pdbx_description
1 polymer 'Type I modular polyketide synthase'
2 non-polymer 'PHOSPHATE ION'
3 water water
#
_entity_poly.entity_id   1
_entity_poly.type   'polypeptide(L)'
_entity_poly.pdbx_seq_one_letter_code
;MGSSHHHHHHSSGLVPRGSHMGAPESVPGETVPAALTSALIPWTVSAKLPEALRGQAARLAEFTRGEGALRPADVAAALT
RSRAALESRGVVLAEDREGFLTALDALAEAAPAAGVIEGGTVKGADRTVFVFPGQGSQWAGMAVELLDSSPVFASRLAEC
ADALAPYVDWSLVDVLRQTEGAPGFDRVDVVQPALWAVMVSLAEVWRAAGVAPAAVIGHSQGEIAAAAVAGALSLGDAAK
VSALRAKALLALAGKGGMVSVAEAADSVRERISAWGERLALASVNGPQSTVVSGDPGALDELMAACERDGVRARRINVDY
ASHGPQVEHIRAEVLSALSGIAPRTAEVPFLSTVTGEFVTGTDLDAEYWYRNLRNTVRFEDAVRTLLDRGHGAFVEASAH
PVLTVGVQETIDAVGAPAVTQGTLRRDEGGAARFLTSLAEAWTHGVPVDWDTVRPAPAPDTAVHLPTYAFQ
;
_entity_poly.pdbx_strand_id   A
#
# COMPACT_ATOMS: atom_id res chain seq x y z
N PRO A 33 -16.36 9.65 -13.91
CA PRO A 33 -16.61 8.50 -13.02
C PRO A 33 -16.28 8.81 -11.56
N ALA A 34 -17.12 8.33 -10.65
CA ALA A 34 -16.90 8.52 -9.23
C ALA A 34 -15.66 7.75 -8.78
N ALA A 35 -14.95 8.31 -7.83
CA ALA A 35 -13.91 7.54 -7.15
C ALA A 35 -14.52 6.39 -6.35
N LEU A 36 -15.47 6.72 -5.48
CA LEU A 36 -16.28 5.69 -4.85
C LEU A 36 -17.74 6.03 -4.96
N THR A 37 -18.53 4.99 -4.89
CA THR A 37 -19.95 5.15 -4.90
C THR A 37 -20.50 4.20 -3.84
N SER A 38 -21.09 4.77 -2.79
CA SER A 38 -21.43 3.99 -1.61
C SER A 38 -22.69 4.53 -0.91
N ALA A 39 -23.33 3.62 -0.16
CA ALA A 39 -24.46 3.95 0.75
C ALA A 39 -23.96 4.52 2.06
N LEU A 40 -22.72 4.20 2.41
CA LEU A 40 -21.98 4.88 3.48
C LEU A 40 -21.60 6.27 3.05
N ILE A 41 -22.07 7.28 3.79
CA ILE A 41 -21.85 8.67 3.47
C ILE A 41 -20.99 9.38 4.54
N PRO A 42 -20.00 10.16 4.10
CA PRO A 42 -19.12 10.82 5.04
C PRO A 42 -19.65 12.20 5.41
N TRP A 43 -19.64 12.54 6.70
CA TRP A 43 -19.82 13.91 7.09
C TRP A 43 -18.53 14.33 7.71
N THR A 44 -18.03 15.49 7.28
CA THR A 44 -16.77 15.99 7.75
C THR A 44 -16.99 17.20 8.64
N VAL A 45 -16.20 17.30 9.68
CA VAL A 45 -16.21 18.50 10.47
C VAL A 45 -14.76 18.83 10.85
N SER A 46 -14.48 20.11 11.11
CA SER A 46 -13.17 20.49 11.63
C SER A 46 -13.26 21.67 12.58
N ALA A 47 -12.24 21.85 13.40
CA ALA A 47 -12.15 23.01 14.27
C ALA A 47 -10.68 23.36 14.48
N LYS A 48 -10.43 24.38 15.28
CA LYS A 48 -9.08 24.79 15.55
C LYS A 48 -8.49 23.93 16.62
N LEU A 49 -9.32 23.34 17.47
CA LEU A 49 -8.79 22.43 18.48
C LEU A 49 -9.65 21.20 18.67
N PRO A 50 -9.09 20.16 19.30
CA PRO A 50 -9.85 18.96 19.62
C PRO A 50 -11.18 19.31 20.31
N GLU A 51 -11.11 20.12 21.35
CA GLU A 51 -12.25 20.35 22.20
C GLU A 51 -13.35 21.03 21.41
N ALA A 52 -13.00 22.00 20.58
CA ALA A 52 -13.98 22.61 19.72
C ALA A 52 -14.49 21.64 18.64
N LEU A 53 -13.61 20.74 18.16
CA LEU A 53 -14.06 19.72 17.23
C LEU A 53 -15.21 18.96 17.88
N ARG A 54 -15.03 18.57 19.14
CA ARG A 54 -16.00 17.75 19.83
C ARG A 54 -17.31 18.52 20.01
N GLY A 55 -17.20 19.83 20.15
CA GLY A 55 -18.35 20.71 20.15
C GLY A 55 -19.08 20.76 18.82
N GLN A 56 -18.35 20.81 17.74
CA GLN A 56 -18.98 20.72 16.43
C GLN A 56 -19.74 19.41 16.23
N ALA A 57 -19.15 18.32 16.71
CA ALA A 57 -19.82 17.04 16.68
C ALA A 57 -21.16 17.08 17.45
N ALA A 58 -21.17 17.73 18.61
CA ALA A 58 -22.37 17.81 19.43
C ALA A 58 -23.42 18.69 18.79
N ARG A 59 -23.02 19.81 18.21
CA ARG A 59 -23.94 20.65 17.46
C ARG A 59 -24.58 19.89 16.32
N LEU A 60 -23.77 19.14 15.60
CA LEU A 60 -24.27 18.36 14.48
C LEU A 60 -25.23 17.31 15.00
N ALA A 61 -24.89 16.70 16.12
CA ALA A 61 -25.72 15.69 16.72
C ALA A 61 -27.06 16.29 17.14
N GLU A 62 -27.03 17.50 17.68
CA GLU A 62 -28.26 18.16 18.09
C GLU A 62 -29.15 18.38 16.88
N PHE A 63 -28.56 18.81 15.78
CA PHE A 63 -29.32 19.02 14.58
C PHE A 63 -29.96 17.74 14.04
N THR A 64 -29.23 16.64 14.02
CA THR A 64 -29.80 15.40 13.50
C THR A 64 -30.87 14.80 14.41
N ARG A 65 -30.74 15.07 15.70
CA ARG A 65 -31.70 14.58 16.67
C ARG A 65 -33.09 15.13 16.38
N GLY A 66 -33.19 16.39 16.00
CA GLY A 66 -34.47 16.99 15.69
C GLY A 66 -34.84 16.94 14.23
N GLU A 67 -33.98 16.37 13.42
CA GLU A 67 -34.24 16.33 11.98
C GLU A 67 -35.37 15.50 11.37
N GLY A 68 -35.56 14.25 11.75
CA GLY A 68 -36.65 13.51 11.15
C GLY A 68 -36.38 13.05 9.73
N ALA A 69 -36.79 13.85 8.75
CA ALA A 69 -36.55 13.46 7.36
C ALA A 69 -35.20 13.95 6.85
N LEU A 70 -34.13 13.47 7.44
CA LEU A 70 -32.81 13.89 7.10
C LEU A 70 -32.35 13.40 5.74
N ARG A 71 -31.72 14.28 4.97
CA ARG A 71 -31.12 13.89 3.70
C ARG A 71 -29.57 13.89 3.82
N PRO A 72 -28.98 12.73 4.09
CA PRO A 72 -27.55 12.72 4.50
C PRO A 72 -26.55 13.20 3.43
N ALA A 73 -26.86 12.94 2.16
CA ALA A 73 -26.10 13.53 1.04
C ALA A 73 -26.16 15.05 1.05
N ASP A 74 -27.31 15.61 1.41
CA ASP A 74 -27.43 17.07 1.48
C ASP A 74 -26.59 17.62 2.61
N VAL A 75 -26.63 16.94 3.76
CA VAL A 75 -25.82 17.37 4.89
C VAL A 75 -24.32 17.35 4.53
N ALA A 76 -23.86 16.25 3.92
CA ALA A 76 -22.43 16.10 3.62
C ALA A 76 -21.96 17.22 2.69
N ALA A 77 -22.73 17.45 1.62
CA ALA A 77 -22.53 18.59 0.72
C ALA A 77 -22.33 19.87 1.51
N ALA A 78 -23.24 20.10 2.45
CA ALA A 78 -23.27 21.34 3.18
C ALA A 78 -22.06 21.48 4.06
N LEU A 79 -21.54 20.36 4.53
CA LEU A 79 -20.39 20.40 5.42
C LEU A 79 -19.09 20.73 4.69
N THR A 80 -19.00 20.33 3.44
CA THR A 80 -17.80 20.54 2.63
C THR A 80 -17.86 21.71 1.65
N ARG A 81 -17.40 21.45 0.43
CA ARG A 81 -17.30 22.39 -0.70
C ARG A 81 -16.35 23.57 -0.44
N SER A 82 -16.87 24.77 -0.54
CA SER A 82 -16.06 25.97 -0.38
C SER A 82 -15.35 26.10 0.97
N ARG A 83 -16.00 25.67 2.05
CA ARG A 83 -15.37 25.85 3.36
C ARG A 83 -14.03 25.14 3.46
N ALA A 84 -13.05 25.89 3.96
CA ALA A 84 -11.70 25.39 4.14
C ALA A 84 -11.71 24.81 5.52
N ALA A 85 -11.23 23.59 5.61
CA ALA A 85 -11.25 22.84 6.86
C ALA A 85 -10.05 23.14 7.74
N LEU A 86 -10.30 23.21 9.03
CA LEU A 86 -9.30 23.52 10.04
C LEU A 86 -8.41 22.35 10.47
N GLU A 87 -7.41 22.65 11.30
CA GLU A 87 -6.43 21.68 11.79
C GLU A 87 -6.90 20.44 12.54
N SER A 88 -7.90 20.56 13.41
CA SER A 88 -8.37 19.41 14.15
C SER A 88 -9.66 18.87 13.48
N ARG A 89 -9.66 17.59 13.12
CA ARG A 89 -10.65 17.10 12.13
C ARG A 89 -11.33 15.80 12.52
N GLY A 90 -12.53 15.59 11.97
CA GLY A 90 -13.33 14.42 12.30
C GLY A 90 -14.22 14.05 11.15
N VAL A 91 -14.47 12.76 10.99
CA VAL A 91 -15.36 12.29 9.94
C VAL A 91 -16.25 11.23 10.56
N VAL A 92 -17.55 11.27 10.23
CA VAL A 92 -18.39 10.12 10.57
C VAL A 92 -18.96 9.54 9.33
N LEU A 93 -19.06 8.22 9.31
CA LEU A 93 -19.56 7.51 8.12
C LEU A 93 -20.78 6.79 8.59
N ALA A 94 -21.87 6.90 7.85
CA ALA A 94 -23.03 6.11 8.20
C ALA A 94 -23.97 6.15 7.02
N GLU A 95 -24.90 5.20 7.02
CA GLU A 95 -25.85 4.98 5.95
C GLU A 95 -27.17 5.65 6.22
N ASP A 96 -27.46 5.94 7.48
CA ASP A 96 -28.73 6.60 7.84
C ASP A 96 -28.64 7.53 9.04
N ARG A 97 -29.73 8.23 9.30
CA ARG A 97 -29.85 9.11 10.45
C ARG A 97 -29.36 8.50 11.73
N GLU A 98 -29.81 7.29 12.02
CA GLU A 98 -29.56 6.69 13.29
C GLU A 98 -28.05 6.37 13.41
N GLY A 99 -27.44 6.00 12.28
CA GLY A 99 -26.00 5.72 12.25
C GLY A 99 -25.17 6.97 12.48
N PHE A 100 -25.58 8.07 11.86
CA PHE A 100 -24.96 9.36 12.14
C PHE A 100 -25.07 9.77 13.60
N LEU A 101 -26.19 9.45 14.21
CA LEU A 101 -26.36 9.80 15.63
C LEU A 101 -25.37 9.04 16.50
N THR A 102 -25.32 7.73 16.35
CA THR A 102 -24.41 6.90 17.11
C THR A 102 -22.98 7.35 16.91
N ALA A 103 -22.62 7.67 15.67
CA ALA A 103 -21.22 8.05 15.38
C ALA A 103 -20.90 9.45 15.93
N LEU A 104 -21.81 10.39 15.79
CA LEU A 104 -21.57 11.73 16.31
C LEU A 104 -21.51 11.82 17.83
N ASP A 105 -22.30 11.00 18.50
CA ASP A 105 -22.31 11.05 19.94
C ASP A 105 -20.96 10.51 20.43
N ALA A 106 -20.45 9.47 19.77
CA ALA A 106 -19.13 8.95 20.12
C ALA A 106 -18.04 9.98 19.84
N LEU A 107 -18.12 10.63 18.69
CA LEU A 107 -17.15 11.65 18.35
C LEU A 107 -17.19 12.78 19.39
N ALA A 108 -18.39 13.14 19.85
CA ALA A 108 -18.47 14.32 20.71
C ALA A 108 -17.99 13.96 22.10
N GLU A 109 -17.97 12.68 22.43
CA GLU A 109 -17.53 12.24 23.75
C GLU A 109 -16.11 11.66 23.75
N ALA A 110 -15.37 11.88 22.66
CA ALA A 110 -14.11 11.18 22.44
C ALA A 110 -14.18 9.70 22.76
N ALA A 111 -15.26 9.03 22.37
CA ALA A 111 -15.27 7.59 22.47
C ALA A 111 -15.02 7.03 21.10
N PRO A 112 -14.47 5.83 21.05
CA PRO A 112 -14.12 5.38 19.72
C PRO A 112 -15.19 4.44 19.23
N ALA A 113 -15.46 4.43 17.93
CA ALA A 113 -16.44 3.53 17.38
C ALA A 113 -16.23 3.41 15.89
N ALA A 114 -16.80 2.35 15.32
CA ALA A 114 -16.87 2.16 13.88
C ALA A 114 -17.47 3.39 13.19
N GLY A 115 -16.93 3.72 12.03
CA GLY A 115 -17.35 4.90 11.27
C GLY A 115 -17.10 6.23 11.95
N VAL A 116 -16.35 6.23 13.03
CA VAL A 116 -15.84 7.46 13.60
C VAL A 116 -14.34 7.58 13.38
N ILE A 117 -13.92 8.64 12.71
CA ILE A 117 -12.49 8.92 12.50
C ILE A 117 -12.15 10.33 12.97
N GLU A 118 -11.06 10.49 13.70
CA GLU A 118 -10.65 11.79 14.22
C GLU A 118 -9.12 11.89 14.17
N GLY A 119 -8.61 13.06 13.88
CA GLY A 119 -7.17 13.30 13.92
C GLY A 119 -6.89 14.75 13.62
N GLY A 120 -5.61 15.12 13.71
CA GLY A 120 -5.16 16.47 13.38
C GLY A 120 -4.21 16.51 12.21
N THR A 121 -4.20 17.62 11.46
CA THR A 121 -3.44 17.68 10.22
C THR A 121 -1.93 17.66 10.50
N VAL A 122 -1.16 17.21 9.52
CA VAL A 122 0.29 17.01 9.68
C VAL A 122 1.01 17.77 8.58
N LYS A 123 2.02 18.55 8.96
CA LYS A 123 2.84 19.29 7.99
C LYS A 123 3.40 18.34 6.92
N GLY A 124 3.16 18.70 5.67
CA GLY A 124 3.67 17.95 4.54
C GLY A 124 2.81 16.75 4.18
N ALA A 125 1.63 16.64 4.78
CA ALA A 125 0.72 15.54 4.49
C ALA A 125 0.16 15.61 3.09
N ASP A 126 0.12 16.81 2.54
CA ASP A 126 -0.35 16.97 1.17
C ASP A 126 0.71 16.60 0.15
N ARG A 127 1.94 16.43 0.59
CA ARG A 127 2.91 15.84 -0.28
C ARG A 127 2.96 14.35 -0.06
N THR A 128 1.91 13.69 -0.50
CA THR A 128 1.68 12.36 0.00
C THR A 128 2.44 11.29 -0.78
N VAL A 129 3.10 10.40 -0.04
CA VAL A 129 3.87 9.33 -0.62
C VAL A 129 3.02 8.08 -0.79
N PHE A 130 2.96 7.55 -2.00
CA PHE A 130 2.33 6.24 -2.21
C PHE A 130 3.36 5.07 -2.04
N VAL A 131 2.99 4.08 -1.23
CA VAL A 131 3.83 2.91 -0.94
C VAL A 131 3.27 1.64 -1.56
N PHE A 132 4.10 0.91 -2.31
CA PHE A 132 3.65 -0.26 -3.01
C PHE A 132 4.44 -1.48 -2.50
N PRO A 133 3.81 -2.31 -1.65
CA PRO A 133 4.56 -3.42 -1.09
C PRO A 133 4.75 -4.53 -2.08
N GLY A 134 5.46 -5.57 -1.62
CA GLY A 134 5.63 -6.79 -2.39
C GLY A 134 4.63 -7.86 -1.93
N GLN A 135 5.17 -8.99 -1.53
CA GLN A 135 4.37 -10.15 -1.21
C GLN A 135 3.69 -9.96 0.15
N GLY A 136 2.70 -10.80 0.41
CA GLY A 136 2.08 -10.90 1.76
C GLY A 136 0.71 -10.20 1.85
N SER A 137 0.36 -9.35 0.91
CA SER A 137 -0.91 -8.60 1.05
C SER A 137 -2.15 -9.28 0.42
N GLN A 138 -2.00 -10.49 -0.12
CA GLN A 138 -3.08 -11.09 -0.86
C GLN A 138 -4.17 -11.73 0.03
N TRP A 139 -5.40 -11.78 -0.47
CA TRP A 139 -6.41 -12.63 0.15
C TRP A 139 -7.53 -12.88 -0.81
N ALA A 140 -8.19 -14.02 -0.65
CA ALA A 140 -9.23 -14.43 -1.56
C ALA A 140 -10.35 -13.45 -1.45
N GLY A 141 -10.71 -12.84 -2.58
CA GLY A 141 -11.74 -11.81 -2.63
C GLY A 141 -11.17 -10.40 -2.47
N MET A 142 -9.86 -10.25 -2.43
CA MET A 142 -9.27 -8.91 -2.29
C MET A 142 -9.76 -7.93 -3.36
N ALA A 143 -10.41 -6.87 -2.87
CA ALA A 143 -10.86 -5.73 -3.70
C ALA A 143 -12.02 -6.04 -4.61
N VAL A 144 -12.55 -7.25 -4.57
CA VAL A 144 -13.56 -7.60 -5.56
C VAL A 144 -14.87 -6.83 -5.23
N GLU A 145 -15.10 -6.53 -3.96
CA GLU A 145 -16.25 -5.71 -3.57
C GLU A 145 -16.15 -4.33 -4.19
N LEU A 146 -14.94 -3.83 -4.39
CA LEU A 146 -14.76 -2.50 -4.94
C LEU A 146 -15.19 -2.43 -6.38
N LEU A 147 -15.06 -3.53 -7.08
CA LEU A 147 -15.49 -3.56 -8.45
C LEU A 147 -16.86 -2.90 -8.57
N ASP A 148 -17.70 -3.07 -7.55
CA ASP A 148 -19.09 -2.58 -7.67
C ASP A 148 -19.28 -1.19 -7.14
N SER A 149 -18.37 -0.74 -6.29
CA SER A 149 -18.55 0.52 -5.62
C SER A 149 -17.61 1.59 -6.15
N SER A 150 -16.91 1.31 -7.24
CA SER A 150 -15.91 2.22 -7.74
C SER A 150 -15.70 2.03 -9.24
N PRO A 151 -16.33 2.89 -10.04
CA PRO A 151 -16.10 2.88 -11.48
C PRO A 151 -14.62 3.03 -11.82
N VAL A 152 -13.88 3.84 -11.06
CA VAL A 152 -12.46 4.05 -11.33
C VAL A 152 -11.63 2.78 -11.10
N PHE A 153 -11.89 2.10 -9.99
CA PHE A 153 -11.30 0.78 -9.76
C PHE A 153 -11.63 -0.19 -10.84
N ALA A 154 -12.88 -0.23 -11.25
CA ALA A 154 -13.29 -1.28 -12.14
C ALA A 154 -12.66 -1.06 -13.49
N SER A 155 -12.45 0.19 -13.86
CA SER A 155 -12.01 0.41 -15.22
C SER A 155 -10.48 0.34 -15.30
N ARG A 156 -9.79 0.78 -14.26
CA ARG A 156 -8.33 0.59 -14.19
C ARG A 156 -7.93 -0.87 -14.08
N LEU A 157 -8.69 -1.64 -13.31
CA LEU A 157 -8.44 -3.06 -13.18
C LEU A 157 -8.70 -3.78 -14.49
N ALA A 158 -9.68 -3.33 -15.28
CA ALA A 158 -9.95 -3.95 -16.59
C ALA A 158 -8.83 -3.62 -17.57
N GLU A 159 -8.27 -2.43 -17.45
CA GLU A 159 -7.09 -2.09 -18.22
C GLU A 159 -5.90 -2.96 -17.81
N CYS A 160 -5.77 -3.24 -16.50
CA CYS A 160 -4.65 -4.08 -16.05
C CYS A 160 -4.83 -5.45 -16.65
N ALA A 161 -6.06 -5.94 -16.64
CA ALA A 161 -6.34 -7.29 -17.19
C ALA A 161 -5.99 -7.34 -18.70
N ASP A 162 -6.29 -6.27 -19.44
CA ASP A 162 -5.92 -6.24 -20.87
C ASP A 162 -4.39 -6.23 -21.03
N ALA A 163 -3.71 -5.46 -20.18
CA ALA A 163 -2.27 -5.38 -20.25
C ALA A 163 -1.61 -6.74 -20.03
N LEU A 164 -2.25 -7.57 -19.21
CA LEU A 164 -1.66 -8.82 -18.78
C LEU A 164 -1.94 -9.89 -19.78
N ALA A 165 -3.00 -9.71 -20.56
CA ALA A 165 -3.57 -10.81 -21.29
C ALA A 165 -2.64 -11.48 -22.32
N PRO A 166 -1.68 -10.73 -22.87
CA PRO A 166 -0.76 -11.44 -23.77
C PRO A 166 0.13 -12.40 -23.02
N TYR A 167 0.18 -12.26 -21.71
CA TYR A 167 1.25 -12.93 -20.97
C TYR A 167 0.75 -14.04 -20.05
N VAL A 168 -0.54 -14.09 -19.84
CA VAL A 168 -1.08 -14.99 -18.85
C VAL A 168 -2.35 -15.64 -19.39
N ASP A 169 -2.65 -16.87 -18.97
CA ASP A 169 -3.83 -17.54 -19.46
C ASP A 169 -5.02 -17.52 -18.52
N TRP A 170 -4.84 -17.02 -17.30
CA TRP A 170 -5.93 -17.03 -16.31
C TRP A 170 -6.67 -15.71 -16.32
N SER A 171 -7.86 -15.71 -15.75
CA SER A 171 -8.67 -14.51 -15.68
C SER A 171 -8.37 -13.73 -14.39
N LEU A 172 -8.07 -12.43 -14.50
CA LEU A 172 -7.69 -11.63 -13.33
C LEU A 172 -8.81 -11.61 -12.26
N VAL A 173 -10.03 -11.29 -12.68
CA VAL A 173 -11.11 -11.15 -11.71
C VAL A 173 -11.39 -12.48 -11.05
N ASP A 174 -11.32 -13.57 -11.83
CA ASP A 174 -11.50 -14.89 -11.23
C ASP A 174 -10.42 -15.27 -10.23
N VAL A 175 -9.18 -14.89 -10.49
CA VAL A 175 -8.10 -15.15 -9.54
C VAL A 175 -8.30 -14.29 -8.27
N LEU A 176 -8.66 -13.03 -8.43
CA LEU A 176 -8.91 -12.20 -7.26
C LEU A 176 -9.98 -12.81 -6.37
N ARG A 177 -11.02 -13.34 -7.00
CA ARG A 177 -12.13 -13.96 -6.26
C ARG A 177 -11.73 -15.34 -5.75
N GLN A 178 -10.72 -15.93 -6.36
CA GLN A 178 -10.43 -17.35 -6.16
C GLN A 178 -11.63 -18.25 -6.45
N THR A 179 -12.35 -17.92 -7.52
CA THR A 179 -13.42 -18.74 -8.04
C THR A 179 -12.89 -20.11 -8.42
N GLU A 180 -13.75 -21.11 -8.27
CA GLU A 180 -13.54 -22.45 -8.82
C GLU A 180 -13.18 -22.35 -10.31
N GLY A 181 -12.02 -22.85 -10.66
CA GLY A 181 -11.58 -22.76 -12.04
C GLY A 181 -10.33 -21.94 -12.16
N ALA A 182 -10.14 -20.99 -11.25
CA ALA A 182 -8.98 -20.13 -11.29
C ALA A 182 -7.83 -20.81 -10.54
N PRO A 183 -6.61 -20.46 -10.92
CA PRO A 183 -5.46 -20.96 -10.17
C PRO A 183 -5.34 -20.24 -8.85
N GLY A 184 -4.52 -20.79 -7.97
CA GLY A 184 -4.37 -20.24 -6.61
C GLY A 184 -3.22 -19.27 -6.43
N PHE A 185 -3.17 -18.69 -5.25
CA PHE A 185 -2.14 -17.76 -4.90
C PHE A 185 -0.83 -18.46 -4.56
N ASP A 186 -0.83 -19.79 -4.50
CA ASP A 186 0.35 -20.57 -4.20
C ASP A 186 1.25 -20.64 -5.44
N ARG A 187 0.82 -20.07 -6.55
CA ARG A 187 1.70 -19.97 -7.70
C ARG A 187 2.23 -18.55 -7.79
N VAL A 188 3.55 -18.43 -7.79
CA VAL A 188 4.19 -17.12 -7.87
C VAL A 188 3.83 -16.36 -9.18
N ASP A 189 3.57 -17.11 -10.25
CA ASP A 189 3.25 -16.51 -11.54
C ASP A 189 1.82 -16.04 -11.57
N VAL A 190 1.03 -16.43 -10.59
CA VAL A 190 -0.37 -15.97 -10.45
C VAL A 190 -0.43 -14.82 -9.45
N VAL A 191 0.16 -15.02 -8.28
CA VAL A 191 -0.06 -14.08 -7.22
C VAL A 191 0.58 -12.74 -7.52
N GLN A 192 1.78 -12.73 -8.11
CA GLN A 192 2.50 -11.47 -8.26
C GLN A 192 1.80 -10.50 -9.22
N PRO A 193 1.36 -10.97 -10.38
CA PRO A 193 0.68 -10.06 -11.30
C PRO A 193 -0.71 -9.62 -10.81
N ALA A 194 -1.41 -10.51 -10.11
CA ALA A 194 -2.72 -10.18 -9.52
C ALA A 194 -2.54 -9.04 -8.51
N LEU A 195 -1.50 -9.15 -7.69
CA LEU A 195 -1.23 -8.09 -6.73
C LEU A 195 -0.81 -6.80 -7.44
N TRP A 196 0.02 -6.92 -8.44
CA TRP A 196 0.40 -5.79 -9.27
C TRP A 196 -0.86 -5.01 -9.71
N ALA A 197 -1.81 -5.71 -10.30
CA ALA A 197 -3.00 -5.11 -10.87
C ALA A 197 -3.87 -4.46 -9.82
N VAL A 198 -3.94 -5.09 -8.66
CA VAL A 198 -4.67 -4.51 -7.53
C VAL A 198 -4.03 -3.22 -7.07
N MET A 199 -2.73 -3.23 -6.87
CA MET A 199 -2.06 -2.04 -6.38
C MET A 199 -2.10 -0.87 -7.39
N VAL A 200 -1.90 -1.19 -8.66
CA VAL A 200 -2.02 -0.15 -9.69
C VAL A 200 -3.44 0.44 -9.66
N SER A 201 -4.43 -0.39 -9.39
CA SER A 201 -5.80 0.04 -9.50
C SER A 201 -6.26 0.75 -8.26
N LEU A 202 -5.77 0.36 -7.08
CA LEU A 202 -6.08 1.08 -5.87
C LEU A 202 -5.48 2.47 -5.90
N ALA A 203 -4.29 2.61 -6.49
CA ALA A 203 -3.61 3.90 -6.50
C ALA A 203 -4.41 4.94 -7.30
N GLU A 204 -5.02 4.48 -8.39
CA GLU A 204 -5.81 5.29 -9.26
C GLU A 204 -7.11 5.76 -8.59
N VAL A 205 -7.67 4.95 -7.69
CA VAL A 205 -8.79 5.42 -6.83
C VAL A 205 -8.37 6.53 -5.91
N TRP A 206 -7.19 6.42 -5.31
CA TRP A 206 -6.70 7.49 -4.48
C TRP A 206 -6.54 8.76 -5.32
N ARG A 207 -6.00 8.60 -6.52
CA ARG A 207 -5.80 9.71 -7.46
C ARG A 207 -7.11 10.36 -7.90
N ALA A 208 -8.07 9.55 -8.29
CA ALA A 208 -9.42 10.03 -8.65
C ALA A 208 -10.10 10.78 -7.49
N ALA A 209 -9.75 10.43 -6.26
CA ALA A 209 -10.34 11.04 -5.09
C ALA A 209 -9.56 12.28 -4.69
N GLY A 210 -8.67 12.71 -5.57
CA GLY A 210 -8.00 13.98 -5.37
C GLY A 210 -6.65 13.88 -4.72
N VAL A 211 -6.17 12.67 -4.46
CA VAL A 211 -4.90 12.52 -3.77
C VAL A 211 -3.82 12.16 -4.79
N ALA A 212 -3.11 13.18 -5.27
CA ALA A 212 -2.09 12.97 -6.28
C ALA A 212 -0.75 12.66 -5.58
N PRO A 213 -0.05 11.63 -6.04
CA PRO A 213 1.16 11.39 -5.26
C PRO A 213 2.23 12.44 -5.48
N ALA A 214 2.93 12.81 -4.42
CA ALA A 214 4.16 13.58 -4.56
C ALA A 214 5.38 12.71 -4.81
N ALA A 215 5.26 11.44 -4.46
CA ALA A 215 6.30 10.47 -4.78
C ALA A 215 5.77 9.05 -4.56
N VAL A 216 6.40 8.10 -5.25
CA VAL A 216 6.13 6.67 -5.09
C VAL A 216 7.38 5.90 -4.64
N ILE A 217 7.12 4.90 -3.82
CA ILE A 217 8.15 3.99 -3.38
C ILE A 217 7.58 2.59 -3.47
N GLY A 218 8.45 1.68 -3.87
CA GLY A 218 8.05 0.29 -4.06
C GLY A 218 9.00 -0.63 -3.34
N HIS A 219 8.49 -1.80 -2.97
CA HIS A 219 9.23 -2.78 -2.22
C HIS A 219 9.28 -4.05 -3.06
N SER A 220 10.47 -4.40 -3.53
CA SER A 220 10.62 -5.48 -4.48
C SER A 220 9.67 -5.34 -5.66
N GLN A 221 8.90 -6.39 -5.93
CA GLN A 221 7.91 -6.40 -7.02
C GLN A 221 7.04 -5.16 -6.99
N GLY A 222 6.93 -4.55 -5.82
CA GLY A 222 6.09 -3.40 -5.68
C GLY A 222 6.55 -2.25 -6.56
N GLU A 223 7.83 -2.24 -6.89
CA GLU A 223 8.40 -1.18 -7.74
C GLU A 223 7.81 -1.20 -9.13
N ILE A 224 7.32 -2.38 -9.53
CA ILE A 224 6.71 -2.57 -10.84
C ILE A 224 5.36 -1.83 -10.91
N ALA A 225 4.61 -1.88 -9.82
CA ALA A 225 3.35 -1.17 -9.74
C ALA A 225 3.64 0.33 -9.65
N ALA A 226 4.63 0.68 -8.84
CA ALA A 226 5.06 2.05 -8.66
C ALA A 226 5.50 2.68 -9.97
N ALA A 227 6.10 1.88 -10.84
CA ALA A 227 6.62 2.40 -12.10
C ALA A 227 5.48 2.69 -13.05
N ALA A 228 4.47 1.84 -12.99
CA ALA A 228 3.30 2.03 -13.79
C ALA A 228 2.51 3.25 -13.34
N VAL A 229 2.41 3.46 -12.04
CA VAL A 229 1.65 4.57 -11.54
C VAL A 229 2.42 5.86 -11.83
N ALA A 230 3.72 5.83 -11.72
CA ALA A 230 4.54 7.00 -11.92
C ALA A 230 4.71 7.37 -13.40
N GLY A 231 4.41 6.43 -14.29
CA GLY A 231 4.49 6.65 -15.72
C GLY A 231 5.83 6.29 -16.33
N ALA A 232 6.74 5.70 -15.56
CA ALA A 232 8.03 5.27 -16.10
C ALA A 232 7.95 4.01 -16.98
N LEU A 233 6.88 3.26 -16.82
CA LEU A 233 6.53 2.24 -17.81
C LEU A 233 5.10 2.41 -18.20
N SER A 234 4.79 2.05 -19.44
CA SER A 234 3.42 1.93 -19.88
C SER A 234 2.82 0.80 -19.11
N LEU A 235 1.50 0.73 -19.15
CA LEU A 235 0.80 -0.33 -18.44
C LEU A 235 1.17 -1.67 -19.07
N GLY A 236 1.23 -1.70 -20.39
CA GLY A 236 1.63 -2.91 -21.12
C GLY A 236 3.00 -3.44 -20.71
N ASP A 237 3.96 -2.55 -20.66
CA ASP A 237 5.32 -2.89 -20.24
C ASP A 237 5.41 -3.28 -18.76
N ALA A 238 4.71 -2.56 -17.88
CA ALA A 238 4.71 -2.93 -16.48
C ALA A 238 4.08 -4.31 -16.27
N ALA A 239 3.06 -4.65 -17.06
CA ALA A 239 2.43 -5.93 -16.95
C ALA A 239 3.36 -7.02 -17.44
N LYS A 240 4.05 -6.76 -18.53
CA LYS A 240 5.02 -7.71 -19.00
C LYS A 240 6.10 -7.97 -17.91
N VAL A 241 6.69 -6.94 -17.34
CA VAL A 241 7.69 -7.12 -16.27
C VAL A 241 7.11 -7.93 -15.13
N SER A 242 5.84 -7.67 -14.79
CA SER A 242 5.23 -8.31 -13.64
C SER A 242 5.05 -9.79 -13.91
N ALA A 243 4.50 -10.10 -15.06
CA ALA A 243 4.11 -11.44 -15.39
C ALA A 243 5.32 -12.30 -15.70
N LEU A 244 6.27 -11.73 -16.43
CA LEU A 244 7.38 -12.53 -16.97
C LEU A 244 8.48 -12.68 -15.91
N ARG A 245 8.62 -11.70 -15.05
CA ARG A 245 9.53 -11.89 -13.93
C ARG A 245 9.01 -12.92 -12.95
N ALA A 246 7.69 -12.97 -12.75
CA ALA A 246 7.05 -13.94 -11.88
C ALA A 246 7.16 -15.35 -12.45
N LYS A 247 7.03 -15.47 -13.76
CA LYS A 247 7.23 -16.78 -14.35
C LYS A 247 8.66 -17.28 -14.14
N ALA A 248 9.65 -16.41 -14.31
CA ALA A 248 11.05 -16.86 -14.18
C ALA A 248 11.27 -17.39 -12.77
N LEU A 249 10.67 -16.70 -11.81
CA LEU A 249 10.70 -17.09 -10.41
C LEU A 249 10.17 -18.49 -10.08
N LEU A 250 9.34 -19.01 -10.94
CA LEU A 250 8.90 -20.38 -10.81
C LEU A 250 10.07 -21.32 -10.57
N ALA A 251 11.25 -20.99 -11.10
CA ALA A 251 12.38 -21.90 -11.00
C ALA A 251 12.98 -21.85 -9.63
N LEU A 252 12.61 -20.85 -8.83
CA LEU A 252 13.13 -20.76 -7.47
C LEU A 252 12.19 -21.25 -6.39
N ALA A 253 10.94 -21.51 -6.77
CA ALA A 253 9.89 -21.81 -5.79
C ALA A 253 10.17 -23.15 -5.15
N GLY A 254 10.11 -23.20 -3.82
CA GLY A 254 10.39 -24.39 -3.09
C GLY A 254 11.87 -24.58 -2.76
N LYS A 255 12.73 -23.63 -3.12
CA LYS A 255 14.16 -23.79 -2.91
C LYS A 255 14.70 -22.87 -1.87
N GLY A 256 13.82 -22.11 -1.22
CA GLY A 256 14.28 -21.11 -0.27
C GLY A 256 13.15 -20.53 0.52
N GLY A 257 13.44 -19.48 1.26
CA GLY A 257 12.43 -18.81 2.07
C GLY A 257 12.97 -17.51 2.57
N MET A 258 12.26 -16.91 3.50
CA MET A 258 12.66 -15.68 4.12
C MET A 258 12.23 -15.67 5.55
N VAL A 259 13.03 -15.02 6.38
CA VAL A 259 12.66 -14.81 7.75
C VAL A 259 12.85 -13.35 8.14
N SER A 260 11.89 -12.85 8.90
CA SER A 260 11.98 -11.51 9.48
C SER A 260 12.79 -11.58 10.74
N VAL A 261 13.65 -10.59 10.92
CA VAL A 261 14.51 -10.50 12.09
C VAL A 261 14.40 -9.10 12.64
N ALA A 262 14.00 -9.03 13.90
CA ALA A 262 13.79 -7.76 14.55
C ALA A 262 15.10 -7.28 15.08
N GLU A 263 16.01 -6.92 14.18
CA GLU A 263 17.33 -6.50 14.58
C GLU A 263 17.72 -5.47 13.52
N ALA A 264 18.55 -4.50 13.89
CA ALA A 264 19.08 -3.54 12.93
C ALA A 264 19.92 -4.18 11.83
N ALA A 265 19.84 -3.56 10.67
CA ALA A 265 20.49 -4.04 9.47
C ALA A 265 21.96 -4.35 9.69
N ASP A 266 22.69 -3.47 10.36
CA ASP A 266 24.13 -3.69 10.58
C ASP A 266 24.42 -4.97 11.37
N SER A 267 23.74 -5.12 12.51
CA SER A 267 23.90 -6.30 13.33
C SER A 267 23.51 -7.54 12.54
N VAL A 268 22.46 -7.44 11.73
CA VAL A 268 22.00 -8.63 11.00
C VAL A 268 23.04 -9.05 9.99
N ARG A 269 23.59 -8.07 9.31
CA ARG A 269 24.59 -8.29 8.30
C ARG A 269 25.77 -9.03 8.90
N GLU A 270 26.21 -8.57 10.06
CA GLU A 270 27.27 -9.28 10.78
C GLU A 270 26.86 -10.69 11.16
N ARG A 271 25.71 -10.84 11.77
CA ARG A 271 25.19 -12.16 12.09
C ARG A 271 25.14 -13.15 10.91
N ILE A 272 24.55 -12.77 9.79
CA ILE A 272 24.40 -13.72 8.68
C ILE A 272 25.70 -13.99 7.91
N SER A 273 26.72 -13.21 8.24
CA SER A 273 27.99 -13.24 7.50
C SER A 273 28.62 -14.65 7.48
N ALA A 274 28.49 -15.31 8.62
CA ALA A 274 28.90 -16.69 8.85
C ALA A 274 28.34 -17.70 7.85
N TRP A 275 27.13 -17.48 7.35
CA TRP A 275 26.55 -18.44 6.44
C TRP A 275 26.95 -18.20 5.01
N GLY A 276 27.45 -17.02 4.70
CA GLY A 276 27.90 -16.77 3.33
C GLY A 276 26.75 -16.71 2.35
N GLU A 277 26.96 -17.28 1.17
CA GLU A 277 25.91 -17.31 0.15
C GLU A 277 24.64 -18.11 0.46
N ARG A 278 24.61 -18.77 1.61
CA ARG A 278 23.43 -19.51 2.01
C ARG A 278 22.33 -18.60 2.56
N LEU A 279 22.67 -17.34 2.86
CA LEU A 279 21.77 -16.34 3.40
C LEU A 279 22.07 -15.01 2.72
N ALA A 280 21.10 -14.10 2.71
CA ALA A 280 21.32 -12.79 2.14
C ALA A 280 20.44 -11.81 2.89
N LEU A 281 20.89 -10.57 2.98
CA LEU A 281 20.05 -9.49 3.50
C LEU A 281 19.04 -9.05 2.43
N ALA A 282 17.81 -9.51 2.55
CA ALA A 282 16.85 -9.28 1.47
C ALA A 282 16.18 -7.91 1.58
N SER A 283 15.87 -7.46 2.79
CA SER A 283 15.21 -6.17 2.88
C SER A 283 15.46 -5.54 4.21
N VAL A 284 15.62 -4.23 4.19
CA VAL A 284 15.67 -3.43 5.42
C VAL A 284 14.46 -2.52 5.46
N ASN A 285 13.55 -2.83 6.37
CA ASN A 285 12.24 -2.23 6.42
C ASN A 285 12.03 -1.19 7.52
N GLY A 286 12.97 -1.11 8.46
CA GLY A 286 12.88 -0.19 9.59
C GLY A 286 14.15 -0.32 10.41
N PRO A 287 14.42 0.63 11.31
CA PRO A 287 15.66 0.58 12.08
C PRO A 287 15.85 -0.72 12.91
N GLN A 288 14.78 -1.45 13.20
CA GLN A 288 14.90 -2.75 13.89
C GLN A 288 14.10 -3.84 13.20
N SER A 289 14.12 -3.80 11.87
CA SER A 289 13.22 -4.62 11.14
C SER A 289 13.80 -4.99 9.77
N THR A 290 14.24 -6.26 9.63
CA THR A 290 14.92 -6.70 8.43
C THR A 290 14.40 -8.07 8.04
N VAL A 291 14.63 -8.42 6.78
CA VAL A 291 14.23 -9.72 6.25
C VAL A 291 15.48 -10.37 5.64
N VAL A 292 15.70 -11.63 6.00
CA VAL A 292 16.79 -12.41 5.45
C VAL A 292 16.29 -13.55 4.60
N SER A 293 16.89 -13.74 3.45
CA SER A 293 16.44 -14.80 2.55
C SER A 293 17.54 -15.84 2.41
N GLY A 294 17.18 -17.05 1.99
CA GLY A 294 18.17 -18.06 1.66
C GLY A 294 17.61 -19.49 1.78
N ASP A 295 18.52 -20.42 1.95
CA ASP A 295 18.20 -21.82 1.90
C ASP A 295 17.52 -22.27 3.18
N PRO A 296 16.56 -23.17 3.01
CA PRO A 296 15.69 -23.51 4.14
C PRO A 296 16.47 -23.88 5.41
N GLY A 297 17.53 -24.67 5.27
CA GLY A 297 18.28 -25.17 6.47
C GLY A 297 19.02 -24.03 7.13
N ALA A 298 19.52 -23.12 6.32
CA ALA A 298 20.24 -21.95 6.87
C ALA A 298 19.30 -21.03 7.61
N LEU A 299 18.06 -20.93 7.12
CA LEU A 299 17.08 -20.11 7.76
C LEU A 299 16.70 -20.69 9.12
N ASP A 300 16.52 -22.00 9.19
CA ASP A 300 16.25 -22.63 10.50
C ASP A 300 17.36 -22.29 11.53
N GLU A 301 18.61 -22.41 11.13
CA GLU A 301 19.70 -22.16 12.08
C GLU A 301 19.88 -20.68 12.38
N LEU A 302 19.50 -19.83 11.44
CA LEU A 302 19.44 -18.38 11.73
C LEU A 302 18.42 -18.05 12.83
N MET A 303 17.22 -18.62 12.70
CA MET A 303 16.20 -18.38 13.72
C MET A 303 16.61 -18.87 15.11
N ALA A 304 17.20 -20.05 15.17
CA ALA A 304 17.67 -20.60 16.44
C ALA A 304 18.76 -19.68 17.05
N ALA A 305 19.67 -19.21 16.21
CA ALA A 305 20.68 -18.29 16.66
C ALA A 305 20.08 -16.99 17.21
N CYS A 306 19.07 -16.46 16.52
CA CYS A 306 18.45 -15.21 16.96
C CYS A 306 17.80 -15.44 18.31
N GLU A 307 17.12 -16.56 18.40
CA GLU A 307 16.35 -16.94 19.60
C GLU A 307 17.29 -17.04 20.80
N ARG A 308 18.41 -17.68 20.58
CA ARG A 308 19.50 -17.66 21.55
C ARG A 308 19.88 -16.26 22.02
N ASP A 309 19.79 -15.25 21.18
CA ASP A 309 20.19 -13.91 21.59
C ASP A 309 19.03 -13.05 22.05
N GLY A 310 17.87 -13.66 22.21
CA GLY A 310 16.67 -12.90 22.52
C GLY A 310 16.12 -12.09 21.35
N VAL A 311 16.51 -12.41 20.13
CA VAL A 311 16.06 -11.63 18.98
C VAL A 311 14.91 -12.34 18.25
N ARG A 312 13.79 -11.67 18.14
CA ARG A 312 12.62 -12.28 17.55
C ARG A 312 12.81 -12.48 16.06
N ALA A 313 12.71 -13.74 15.61
CA ALA A 313 12.84 -14.07 14.21
C ALA A 313 11.67 -14.96 13.84
N ARG A 314 11.05 -14.72 12.69
CA ARG A 314 9.87 -15.48 12.25
C ARG A 314 9.91 -15.76 10.77
N ARG A 315 9.50 -16.98 10.47
CA ARG A 315 9.50 -17.54 9.14
C ARG A 315 8.38 -16.86 8.34
N ILE A 316 8.68 -16.25 7.20
CA ILE A 316 7.61 -15.63 6.39
C ILE A 316 7.06 -16.71 5.47
N ASN A 317 5.76 -16.65 5.15
CA ASN A 317 5.15 -17.65 4.25
C ASN A 317 5.42 -17.38 2.77
N VAL A 318 6.63 -17.70 2.32
CA VAL A 318 7.00 -17.69 0.91
C VAL A 318 7.93 -18.84 0.76
N ASP A 319 8.07 -19.37 -0.45
CA ASP A 319 8.98 -20.51 -0.58
C ASP A 319 10.05 -20.22 -1.61
N TYR A 320 10.42 -18.95 -1.76
CA TYR A 320 11.57 -18.63 -2.61
C TYR A 320 12.39 -17.61 -1.90
N ALA A 321 13.67 -17.63 -2.21
CA ALA A 321 14.66 -16.71 -1.66
C ALA A 321 15.10 -15.73 -2.76
N SER A 322 14.35 -14.66 -2.93
CA SER A 322 14.79 -13.52 -3.77
C SER A 322 15.68 -12.56 -2.97
N HIS A 323 16.31 -11.66 -3.70
CA HIS A 323 17.14 -10.64 -3.12
C HIS A 323 18.42 -11.26 -2.55
N GLY A 324 18.80 -12.39 -3.13
CA GLY A 324 20.04 -13.06 -2.80
C GLY A 324 20.57 -13.85 -3.97
N PRO A 325 21.65 -14.63 -3.73
CA PRO A 325 22.38 -15.34 -4.77
C PRO A 325 21.56 -16.33 -5.55
N GLN A 326 20.45 -16.85 -5.02
CA GLN A 326 19.74 -17.84 -5.82
C GLN A 326 19.26 -17.23 -7.13
N VAL A 327 18.99 -15.93 -7.12
CA VAL A 327 18.41 -15.24 -8.26
C VAL A 327 19.35 -15.27 -9.50
N GLU A 328 20.64 -15.52 -9.26
CA GLU A 328 21.62 -15.56 -10.39
C GLU A 328 21.22 -16.61 -11.38
N HIS A 329 20.57 -17.65 -10.89
CA HIS A 329 20.13 -18.75 -11.75
C HIS A 329 19.10 -18.31 -12.82
N ILE A 330 18.34 -17.25 -12.59
CA ILE A 330 17.38 -16.83 -13.61
C ILE A 330 17.75 -15.49 -14.26
N ARG A 331 18.95 -15.02 -13.98
CA ARG A 331 19.37 -13.74 -14.53
C ARG A 331 19.21 -13.65 -16.04
N ALA A 332 19.77 -14.61 -16.76
CA ALA A 332 19.78 -14.48 -18.22
C ALA A 332 18.34 -14.51 -18.75
N GLU A 333 17.51 -15.35 -18.16
CA GLU A 333 16.13 -15.42 -18.55
C GLU A 333 15.43 -14.08 -18.32
N VAL A 334 15.65 -13.46 -17.17
CA VAL A 334 14.98 -12.19 -16.86
C VAL A 334 15.43 -11.09 -17.84
N LEU A 335 16.74 -11.03 -18.03
CA LEU A 335 17.32 -10.07 -18.95
C LEU A 335 16.79 -10.24 -20.35
N SER A 336 16.61 -11.48 -20.76
CA SER A 336 16.15 -11.74 -22.11
C SER A 336 14.62 -11.52 -22.27
N ALA A 337 13.84 -12.00 -21.30
CA ALA A 337 12.37 -11.84 -21.32
C ALA A 337 11.96 -10.36 -21.47
N LEU A 338 12.69 -9.50 -20.78
CA LEU A 338 12.36 -8.08 -20.71
C LEU A 338 13.20 -7.16 -21.61
N SER A 339 13.91 -7.70 -22.59
CA SER A 339 14.78 -6.87 -23.40
C SER A 339 13.99 -5.80 -24.18
N GLY A 340 12.71 -6.05 -24.43
CA GLY A 340 11.94 -5.19 -25.32
C GLY A 340 11.21 -4.04 -24.67
N ILE A 341 11.19 -3.92 -23.35
CA ILE A 341 10.41 -2.84 -22.75
C ILE A 341 11.03 -1.49 -23.11
N ALA A 342 10.25 -0.42 -22.96
CA ALA A 342 10.69 0.93 -23.25
C ALA A 342 10.39 1.87 -22.09
N PRO A 343 11.30 1.95 -21.11
CA PRO A 343 11.00 2.81 -20.02
C PRO A 343 11.09 4.26 -20.46
N ARG A 344 10.49 5.15 -19.70
CA ARG A 344 10.45 6.52 -20.12
C ARG A 344 10.32 7.37 -18.90
N THR A 345 10.35 8.68 -19.10
CA THR A 345 10.58 9.61 -18.03
C THR A 345 9.36 9.48 -17.14
N ALA A 346 9.55 9.46 -15.83
CA ALA A 346 8.42 9.31 -14.90
C ALA A 346 7.85 10.68 -14.62
N GLU A 347 6.53 10.74 -14.61
CA GLU A 347 5.79 11.97 -14.29
C GLU A 347 5.61 12.21 -12.81
N VAL A 348 5.73 11.15 -12.01
CA VAL A 348 5.69 11.27 -10.57
C VAL A 348 7.04 10.81 -10.04
N PRO A 349 7.63 11.60 -9.13
CA PRO A 349 8.91 11.22 -8.61
C PRO A 349 8.91 9.76 -8.11
N PHE A 350 9.97 9.02 -8.47
CA PHE A 350 10.13 7.59 -8.15
C PHE A 350 11.45 7.41 -7.41
N LEU A 351 11.35 7.14 -6.11
CA LEU A 351 12.49 6.93 -5.28
C LEU A 351 12.83 5.43 -5.21
N SER A 352 13.92 5.05 -5.89
CA SER A 352 14.32 3.65 -5.98
C SER A 352 14.74 3.12 -4.63
N THR A 353 14.16 1.99 -4.27
CA THR A 353 14.63 1.29 -3.09
C THR A 353 15.75 0.31 -3.47
N VAL A 354 16.11 0.30 -4.75
CA VAL A 354 17.32 -0.43 -5.20
C VAL A 354 18.54 0.45 -5.07
N THR A 355 18.49 1.62 -5.68
CA THR A 355 19.64 2.51 -5.64
C THR A 355 19.58 3.50 -4.56
N GLY A 356 18.39 3.73 -3.99
CA GLY A 356 18.28 4.74 -2.96
C GLY A 356 18.29 6.16 -3.52
N GLU A 357 18.02 6.33 -4.82
CA GLU A 357 17.91 7.69 -5.43
C GLU A 357 16.66 7.83 -6.28
N PHE A 358 16.22 9.07 -6.48
CA PHE A 358 15.18 9.34 -7.44
C PHE A 358 15.74 9.08 -8.81
N VAL A 359 14.90 8.56 -9.69
CA VAL A 359 15.32 8.18 -11.01
C VAL A 359 14.59 9.05 -12.00
N THR A 360 15.16 9.12 -13.19
CA THR A 360 14.46 9.71 -14.29
C THR A 360 13.31 8.84 -14.77
N GLY A 361 13.57 7.54 -14.86
CA GLY A 361 12.55 6.58 -15.27
C GLY A 361 12.95 5.82 -16.50
N THR A 362 13.73 6.48 -17.35
CA THR A 362 14.26 5.87 -18.54
C THR A 362 15.27 4.77 -18.22
N ASP A 363 15.85 4.81 -17.02
CA ASP A 363 16.73 3.75 -16.51
C ASP A 363 16.03 2.44 -16.02
N LEU A 364 14.71 2.37 -16.07
CA LEU A 364 14.03 1.18 -15.55
C LEU A 364 13.94 0.10 -16.56
N ASP A 365 15.10 -0.34 -17.03
CA ASP A 365 15.13 -1.30 -18.10
C ASP A 365 15.30 -2.71 -17.51
N ALA A 366 15.54 -3.69 -18.38
CA ALA A 366 15.64 -5.09 -17.97
C ALA A 366 16.66 -5.31 -16.86
N GLU A 367 17.77 -4.61 -16.96
CA GLU A 367 18.85 -4.78 -16.03
C GLU A 367 18.41 -4.22 -14.67
N TYR A 368 17.74 -3.07 -14.66
CA TYR A 368 17.14 -2.57 -13.43
C TYR A 368 16.25 -3.63 -12.77
N TRP A 369 15.37 -4.23 -13.54
CA TRP A 369 14.39 -5.15 -12.97
C TRP A 369 15.11 -6.40 -12.46
N TYR A 370 16.16 -6.85 -13.14
CA TYR A 370 17.03 -7.84 -12.54
C TYR A 370 17.68 -7.40 -11.24
N ARG A 371 18.24 -6.21 -11.22
CA ARG A 371 18.83 -5.72 -9.99
C ARG A 371 17.88 -5.68 -8.84
N ASN A 372 16.67 -5.21 -9.14
CA ASN A 372 15.60 -5.13 -8.14
C ASN A 372 15.42 -6.49 -7.47
N LEU A 373 15.34 -7.54 -8.29
CA LEU A 373 15.16 -8.92 -7.79
C LEU A 373 16.38 -9.44 -7.03
N ARG A 374 17.56 -9.05 -7.49
CA ARG A 374 18.80 -9.59 -6.97
C ARG A 374 19.27 -8.93 -5.70
N ASN A 375 18.96 -7.66 -5.52
CA ASN A 375 19.58 -6.91 -4.45
C ASN A 375 18.67 -6.57 -3.29
N THR A 376 19.28 -6.11 -2.21
CA THR A 376 18.60 -5.74 -0.99
C THR A 376 17.58 -4.60 -1.23
N VAL A 377 16.42 -4.71 -0.61
CA VAL A 377 15.42 -3.68 -0.74
C VAL A 377 15.71 -2.70 0.38
N ARG A 378 16.18 -1.51 0.01
CA ARG A 378 16.49 -0.49 1.00
C ARG A 378 15.29 0.39 1.31
N PHE A 379 14.27 -0.21 1.89
CA PHE A 379 13.04 0.49 2.21
C PHE A 379 13.17 1.56 3.28
N GLU A 380 13.88 1.25 4.36
CA GLU A 380 14.05 2.21 5.44
C GLU A 380 14.77 3.45 4.97
N ASP A 381 15.77 3.26 4.14
CA ASP A 381 16.57 4.33 3.60
C ASP A 381 15.72 5.28 2.81
N ALA A 382 14.84 4.75 1.97
CA ALA A 382 13.97 5.56 1.18
C ALA A 382 13.03 6.36 2.07
N VAL A 383 12.49 5.72 3.09
CA VAL A 383 11.58 6.41 3.98
C VAL A 383 12.29 7.56 4.70
N ARG A 384 13.51 7.32 5.13
CA ARG A 384 14.29 8.34 5.80
C ARG A 384 14.54 9.50 4.86
N THR A 385 14.84 9.21 3.61
CA THR A 385 15.05 10.24 2.62
C THR A 385 13.80 11.12 2.49
N LEU A 386 12.62 10.48 2.43
CA LEU A 386 11.39 11.24 2.24
C LEU A 386 11.00 12.07 3.46
N LEU A 387 11.26 11.51 4.62
CA LEU A 387 11.01 12.18 5.87
C LEU A 387 11.86 13.43 5.94
N ASP A 388 13.14 13.29 5.60
CA ASP A 388 14.04 14.43 5.59
C ASP A 388 13.65 15.52 4.58
N ARG A 389 13.00 15.13 3.51
CA ARG A 389 12.44 16.08 2.58
C ARG A 389 11.05 16.59 2.99
N GLY A 390 10.61 16.31 4.22
CA GLY A 390 9.38 16.91 4.73
C GLY A 390 8.06 16.27 4.31
N HIS A 391 8.09 15.07 3.74
CA HIS A 391 6.85 14.42 3.44
C HIS A 391 6.16 13.99 4.74
N GLY A 392 4.84 14.17 4.82
CA GLY A 392 4.15 14.03 6.10
C GLY A 392 3.21 12.84 6.14
N ALA A 393 2.90 12.29 4.97
CA ALA A 393 1.94 11.19 4.89
C ALA A 393 2.36 10.12 3.91
N PHE A 394 2.27 8.87 4.39
CA PHE A 394 2.53 7.70 3.59
C PHE A 394 1.30 6.83 3.46
N VAL A 395 0.94 6.54 2.24
CA VAL A 395 -0.26 5.77 1.95
C VAL A 395 0.12 4.49 1.26
N GLU A 396 -0.20 3.36 1.90
CA GLU A 396 0.03 2.07 1.26
C GLU A 396 -1.13 1.68 0.40
N ALA A 397 -0.89 1.61 -0.90
CA ALA A 397 -1.88 1.25 -1.86
C ALA A 397 -2.00 -0.26 -1.99
N SER A 398 -2.46 -0.92 -0.94
CA SER A 398 -2.47 -2.38 -0.91
C SER A 398 -3.79 -2.94 -0.44
N ALA A 399 -3.92 -4.25 -0.60
CA ALA A 399 -5.11 -5.00 -0.22
C ALA A 399 -5.16 -5.32 1.29
N HIS A 400 -4.01 -5.12 1.94
CA HIS A 400 -3.79 -5.39 3.33
C HIS A 400 -2.46 -4.78 3.72
N PRO A 401 -2.38 -4.03 4.83
CA PRO A 401 -1.19 -3.28 5.24
C PRO A 401 -0.04 -4.16 5.70
N VAL A 402 1.12 -4.08 5.06
CA VAL A 402 2.23 -4.95 5.42
C VAL A 402 3.51 -4.16 5.63
N LEU A 403 3.50 -2.87 5.41
CA LEU A 403 4.69 -2.05 5.53
C LEU A 403 4.43 -0.83 6.35
N THR A 404 3.24 -0.80 6.87
CA THR A 404 2.79 0.30 7.67
C THR A 404 3.47 0.23 9.06
N VAL A 405 3.79 -0.97 9.53
CA VAL A 405 4.55 -1.12 10.78
C VAL A 405 5.99 -0.63 10.63
N GLY A 406 6.61 -0.95 9.50
CA GLY A 406 7.99 -0.55 9.27
C GLY A 406 8.14 0.95 9.00
N VAL A 407 7.18 1.52 8.28
CA VAL A 407 7.19 2.99 8.12
C VAL A 407 7.04 3.66 9.49
N GLN A 408 6.10 3.15 10.29
CA GLN A 408 5.84 3.75 11.60
C GLN A 408 7.04 3.65 12.52
N GLU A 409 7.76 2.54 12.42
CA GLU A 409 8.99 2.36 13.20
C GLU A 409 10.06 3.37 12.80
N THR A 410 10.18 3.68 11.51
CA THR A 410 11.19 4.66 11.14
C THR A 410 10.76 6.11 11.45
N ILE A 411 9.49 6.42 11.23
CA ILE A 411 8.90 7.69 11.68
C ILE A 411 9.20 7.89 13.16
N ASP A 412 8.94 6.88 13.96
CA ASP A 412 9.13 7.01 15.40
C ASP A 412 10.59 7.24 15.74
N ALA A 413 11.50 6.56 15.07
CA ALA A 413 12.88 6.68 15.47
C ALA A 413 13.42 8.02 15.00
N VAL A 414 12.92 8.52 13.89
CA VAL A 414 13.36 9.83 13.43
C VAL A 414 12.73 10.94 14.28
N GLY A 415 11.58 10.66 14.84
CA GLY A 415 10.79 11.68 15.54
C GLY A 415 10.07 12.64 14.61
N ALA A 416 9.74 12.21 13.40
CA ALA A 416 9.08 13.11 12.45
C ALA A 416 7.60 13.16 12.74
N PRO A 417 6.96 14.29 12.43
CA PRO A 417 5.52 14.35 12.47
C PRO A 417 4.98 13.90 11.12
N ALA A 418 4.72 12.63 11.00
CA ALA A 418 4.24 12.04 9.78
C ALA A 418 3.38 10.86 10.13
N VAL A 419 2.52 10.47 9.22
CA VAL A 419 1.64 9.35 9.45
C VAL A 419 1.70 8.31 8.34
N THR A 420 1.35 7.08 8.68
CA THR A 420 1.30 5.99 7.74
C THR A 420 -0.03 5.33 7.78
N GLN A 421 -0.53 4.93 6.63
CA GLN A 421 -1.78 4.23 6.56
C GLN A 421 -1.91 3.35 5.34
N GLY A 422 -2.84 2.42 5.43
CA GLY A 422 -3.16 1.51 4.35
C GLY A 422 -4.38 1.93 3.57
N THR A 423 -4.82 1.01 2.74
CA THR A 423 -6.01 1.16 1.93
C THR A 423 -7.08 0.17 2.34
N LEU A 424 -6.91 -1.09 1.96
CA LEU A 424 -7.83 -2.11 2.34
C LEU A 424 -7.24 -3.00 3.40
N ARG A 425 -8.04 -3.96 3.83
CA ARG A 425 -7.60 -4.97 4.76
C ARG A 425 -8.17 -6.31 4.38
N ARG A 426 -7.58 -7.38 4.91
CA ARG A 426 -8.10 -8.71 4.69
C ARG A 426 -9.57 -8.78 5.12
N ASP A 427 -10.38 -9.37 4.28
CA ASP A 427 -11.82 -9.52 4.48
C ASP A 427 -12.52 -8.17 4.52
N GLU A 428 -11.79 -7.08 4.26
CA GLU A 428 -12.45 -5.77 4.03
C GLU A 428 -11.99 -5.02 2.77
N GLY A 429 -12.59 -5.36 1.65
CA GLY A 429 -12.07 -5.02 0.35
C GLY A 429 -13.06 -4.19 -0.43
N GLY A 430 -13.97 -3.50 0.27
CA GLY A 430 -14.96 -2.65 -0.39
C GLY A 430 -14.87 -1.16 -0.08
N ALA A 431 -15.92 -0.45 -0.45
CA ALA A 431 -15.98 0.99 -0.26
C ALA A 431 -16.00 1.34 1.23
N ALA A 432 -16.50 0.46 2.07
CA ALA A 432 -16.59 0.80 3.48
C ALA A 432 -15.19 1.05 4.01
N ARG A 433 -14.28 0.12 3.73
CA ARG A 433 -12.94 0.24 4.30
C ARG A 433 -12.18 1.36 3.59
N PHE A 434 -12.39 1.46 2.30
CA PHE A 434 -11.68 2.46 1.54
C PHE A 434 -12.09 3.84 2.05
N LEU A 435 -13.39 4.08 2.21
CA LEU A 435 -13.86 5.36 2.73
C LEU A 435 -13.24 5.64 4.03
N THR A 436 -13.16 4.64 4.89
CA THR A 436 -12.55 4.92 6.16
C THR A 436 -11.06 5.22 6.07
N SER A 437 -10.41 4.64 5.08
CA SER A 437 -9.02 5.02 4.78
C SER A 437 -8.89 6.44 4.27
N LEU A 438 -9.72 6.84 3.32
CA LEU A 438 -9.77 8.23 2.90
C LEU A 438 -10.02 9.19 4.09
N ALA A 439 -10.89 8.80 5.02
CA ALA A 439 -11.17 9.66 6.18
C ALA A 439 -9.96 9.86 7.06
N GLU A 440 -9.30 8.77 7.41
CA GLU A 440 -8.06 8.88 8.19
C GLU A 440 -7.10 9.81 7.51
N ALA A 441 -6.93 9.61 6.24
CA ALA A 441 -6.00 10.44 5.49
C ALA A 441 -6.40 11.90 5.64
N TRP A 442 -7.64 12.19 5.26
CA TRP A 442 -8.15 13.57 5.29
C TRP A 442 -7.99 14.20 6.68
N THR A 443 -8.20 13.43 7.74
CA THR A 443 -8.05 14.01 9.06
C THR A 443 -6.62 14.41 9.31
N HIS A 444 -5.67 13.83 8.55
CA HIS A 444 -4.28 14.14 8.79
C HIS A 444 -3.78 15.20 7.82
N GLY A 445 -4.65 15.60 6.91
CA GLY A 445 -4.38 16.70 6.02
C GLY A 445 -4.06 16.24 4.62
N VAL A 446 -4.24 14.96 4.36
CA VAL A 446 -4.17 14.52 2.97
C VAL A 446 -5.37 15.09 2.25
N PRO A 447 -5.16 15.66 1.04
CA PRO A 447 -6.22 16.46 0.41
C PRO A 447 -7.24 15.63 -0.35
N VAL A 448 -8.03 14.85 0.38
CA VAL A 448 -9.14 14.15 -0.21
C VAL A 448 -10.14 15.19 -0.74
N ASP A 449 -10.75 14.87 -1.86
CA ASP A 449 -11.82 15.66 -2.42
C ASP A 449 -13.15 14.94 -2.24
N TRP A 450 -13.92 15.38 -1.26
CA TRP A 450 -15.10 14.62 -0.85
C TRP A 450 -16.21 14.55 -1.88
N ASP A 451 -16.20 15.50 -2.83
CA ASP A 451 -17.08 15.45 -4.00
C ASP A 451 -16.96 14.16 -4.81
N THR A 452 -15.81 13.47 -4.72
CA THR A 452 -15.57 12.36 -5.62
C THR A 452 -16.19 11.10 -5.09
N VAL A 453 -16.68 11.16 -3.86
CA VAL A 453 -17.37 10.05 -3.25
C VAL A 453 -18.87 10.26 -3.31
N ARG A 454 -19.55 9.42 -4.08
CA ARG A 454 -20.91 9.69 -4.38
C ARG A 454 -21.83 8.72 -3.66
N PRO A 455 -22.94 9.26 -3.19
CA PRO A 455 -24.07 8.41 -2.84
C PRO A 455 -24.38 7.46 -3.98
#